data_4MFP
#
_entry.id   4MFP
#
_cell.length_a   134.107
_cell.length_b   134.107
_cell.length_c   49.445
_cell.angle_alpha   90.00
_cell.angle_beta   90.00
_cell.angle_gamma   120.00
#
_symmetry.space_group_name_H-M   'P 65'
#
loop_
_entity.id
_entity.type
_entity.pdbx_description
1 polymer 'Putative uncharacterized protein tcp24'
2 polymer 'Teicoplanin pseudoaglycone'
3 non-polymer 'COENZYME A'
4 non-polymer 'SULFATE ION'
5 non-polymer 2-acetamido-2-deoxy-beta-D-glucopyranose
6 non-polymer alpha-D-mannopyranose
7 non-polymer 2-amino-2-deoxy-beta-D-glucopyranose
8 non-polymer 'DECANOIC ACID'
9 water water
#
loop_
_entity_poly.entity_id
_entity_poly.type
_entity_poly.pdbx_seq_one_letter_code
_entity_poly.pdbx_strand_id
1 'polypeptide(L)'
;MGSSHHHHHHSSGLVPRGSHMMMDPETVRIALGLEERTAAWLTELDELGPPAEPVRLPRGEEARDLLRRLEVPELDAEEI
VAAAPDPDRDPALWWLLERTHHAIVRHMGDHRAKPRGGPPLPYEGGAAARYFHVYVFLATVPAVRRFHAERGIPDEVGWE
TLTQLGELVAIHRRKYGQGGMNMQWWTTYHLRGILYRLGRLQFSLATGKDGTPHLGLAVPEWGGPLLPKAYDESLHRARP
FFDRHFPEHGARVAWGSSWMLDPQLEEYLTEDSNIIQLARFWTLTDSAPEPGNADGDSSILEFVFRYNGQPLDELPQRSS
LERAVIAHLKAGRHWHMRTGFVKLP
;
A
2 'polypeptide(L)' (GHP)(3MY)(3FG)(GHP)(GHP)(OMY)(3FG) B
#
loop_
_chem_comp.id
_chem_comp.type
_chem_comp.name
_chem_comp.formula
COA non-polymer 'COENZYME A' 'C21 H36 N7 O16 P3 S'
DKA non-polymer 'DECANOIC ACID' 'C10 H20 O2'
GCS D-saccharide, beta linking 2-amino-2-deoxy-beta-D-glucopyranose 'C6 H13 N O5'
MAN D-saccharide, alpha linking alpha-D-mannopyranose 'C6 H12 O6'
NAG D-saccharide, beta linking 2-acetamido-2-deoxy-beta-D-glucopyranose 'C8 H15 N O6'
SO4 non-polymer 'SULFATE ION' 'O4 S -2'
#
# COMPACT_ATOMS: atom_id res chain seq x y z
N MET A 23 21.87 -14.81 16.90
CA MET A 23 21.14 -13.93 17.87
C MET A 23 19.80 -14.54 18.23
N ASP A 24 19.15 -14.01 19.26
CA ASP A 24 17.81 -14.47 19.56
C ASP A 24 16.80 -13.32 19.55
N PRO A 25 15.50 -13.67 19.41
CA PRO A 25 14.41 -12.69 19.41
C PRO A 25 14.50 -11.58 20.46
N GLU A 26 14.80 -11.95 21.72
CA GLU A 26 14.84 -10.96 22.81
C GLU A 26 16.01 -9.99 22.69
N THR A 27 17.13 -10.47 22.15
CA THR A 27 18.29 -9.58 21.91
C THR A 27 17.94 -8.57 20.83
N VAL A 28 17.42 -9.09 19.70
CA VAL A 28 17.01 -8.27 18.58
C VAL A 28 15.98 -7.23 19.05
N ARG A 29 14.95 -7.68 19.75
CA ARG A 29 13.88 -6.80 20.17
C ARG A 29 14.45 -5.61 20.97
N ILE A 30 15.35 -5.94 21.90
CA ILE A 30 15.93 -4.96 22.82
C ILE A 30 16.96 -4.08 22.11
N ALA A 31 17.83 -4.68 21.28
CA ALA A 31 18.78 -3.87 20.50
C ALA A 31 18.05 -2.84 19.65
N LEU A 32 16.94 -3.24 19.02
CA LEU A 32 16.26 -2.34 18.09
C LEU A 32 15.29 -1.39 18.79
N GLY A 33 15.02 -1.66 20.05
CA GLY A 33 14.09 -0.81 20.80
C GLY A 33 12.64 -1.08 20.46
N LEU A 34 12.37 -2.27 19.93
CA LEU A 34 11.02 -2.72 19.61
C LEU A 34 10.20 -3.01 20.88
N GLU A 35 8.93 -2.57 20.86
CA GLU A 35 8.01 -2.74 21.98
C GLU A 35 7.73 -4.21 22.26
N GLU A 36 7.38 -4.50 23.51
CA GLU A 36 7.20 -5.89 23.98
C GLU A 36 6.09 -6.65 23.26
N ARG A 37 5.05 -5.94 22.77
CA ARG A 37 4.04 -6.58 21.92
C ARG A 37 4.56 -7.18 20.62
N THR A 38 5.79 -6.84 20.19
CA THR A 38 6.34 -7.40 18.95
C THR A 38 7.00 -8.75 19.18
N ALA A 39 7.07 -9.17 20.44
CA ALA A 39 7.75 -10.42 20.82
C ALA A 39 7.26 -11.64 20.04
N ALA A 40 5.92 -11.79 19.94
CA ALA A 40 5.37 -12.96 19.23
C ALA A 40 5.85 -13.02 17.77
N TRP A 41 5.81 -11.87 17.10
CA TRP A 41 6.27 -11.77 15.72
C TRP A 41 7.72 -12.18 15.61
N LEU A 42 8.54 -11.69 16.56
CA LEU A 42 9.97 -11.95 16.52
C LEU A 42 10.25 -13.42 16.79
N THR A 43 9.43 -14.01 17.66
CA THR A 43 9.49 -15.47 17.88
C THR A 43 9.12 -16.23 16.61
N GLU A 44 8.05 -15.79 15.94
CA GLU A 44 7.64 -16.41 14.68
C GLU A 44 8.72 -16.36 13.60
N LEU A 45 9.41 -15.22 13.47
CA LEU A 45 10.53 -15.10 12.51
C LEU A 45 11.72 -15.95 12.92
N ASP A 46 12.00 -15.99 14.23
CA ASP A 46 13.05 -16.90 14.73
C ASP A 46 12.73 -18.34 14.28
N GLU A 47 11.52 -18.79 14.61
CA GLU A 47 11.03 -20.11 14.21
C GLU A 47 11.23 -20.36 12.71
N LEU A 48 10.78 -19.42 11.86
CA LEU A 48 10.88 -19.55 10.40
C LEU A 48 12.31 -19.66 9.89
N GLY A 49 13.24 -18.96 10.54
CA GLY A 49 14.66 -18.98 10.16
C GLY A 49 14.96 -18.12 8.95
N PRO A 50 16.25 -18.07 8.55
CA PRO A 50 16.71 -17.30 7.39
C PRO A 50 16.25 -17.94 6.09
N PRO A 51 16.24 -17.16 4.99
CA PRO A 51 15.73 -17.66 3.71
C PRO A 51 16.72 -18.62 3.07
N ALA A 52 16.25 -19.46 2.15
CA ALA A 52 17.15 -20.40 1.47
C ALA A 52 18.13 -19.61 0.60
N GLU A 53 17.60 -18.83 -0.32
CA GLU A 53 18.36 -17.83 -1.08
C GLU A 53 18.76 -16.71 -0.11
N PRO A 54 20.09 -16.53 0.11
CA PRO A 54 20.54 -15.49 1.06
C PRO A 54 20.19 -14.08 0.57
N VAL A 55 19.85 -13.21 1.51
CA VAL A 55 19.44 -11.84 1.23
C VAL A 55 20.62 -11.08 0.61
N ARG A 56 20.37 -10.44 -0.52
CA ARG A 56 21.39 -9.62 -1.17
C ARG A 56 20.85 -8.20 -1.34
N LEU A 57 21.56 -7.21 -0.82
CA LEU A 57 21.23 -5.82 -1.16
C LEU A 57 22.09 -5.34 -2.29
N PRO A 58 21.46 -4.75 -3.32
CA PRO A 58 22.23 -4.04 -4.35
C PRO A 58 22.98 -2.83 -3.76
N ARG A 59 24.10 -2.48 -4.35
CA ARG A 59 24.94 -1.42 -3.78
C ARG A 59 25.32 -0.49 -4.93
N GLY A 60 25.68 0.74 -4.59
CA GLY A 60 26.23 1.67 -5.59
C GLY A 60 25.27 1.97 -6.72
N GLU A 61 25.81 1.99 -7.94
CA GLU A 61 25.02 2.32 -9.12
C GLU A 61 24.01 1.26 -9.48
N GLU A 62 24.24 0.01 -9.06
CA GLU A 62 23.23 -1.04 -9.18
C GLU A 62 22.00 -0.62 -8.33
N ALA A 63 22.25 -0.29 -7.06
CA ALA A 63 21.20 0.16 -6.19
C ALA A 63 20.58 1.43 -6.75
N ARG A 64 21.38 2.34 -7.29
CA ARG A 64 20.84 3.58 -7.85
C ARG A 64 19.96 3.33 -9.06
N ASP A 65 20.32 2.36 -9.88
CA ASP A 65 19.49 2.07 -11.04
C ASP A 65 18.15 1.45 -10.63
N LEU A 66 18.18 0.54 -9.66
CA LEU A 66 16.94 -0.12 -9.20
C LEU A 66 16.00 0.94 -8.54
N LEU A 67 16.55 1.71 -7.61
CA LEU A 67 15.80 2.80 -6.98
C LEU A 67 15.13 3.73 -8.00
N ARG A 68 15.86 4.06 -9.05
CA ARG A 68 15.35 5.00 -10.01
C ARG A 68 14.26 4.34 -10.84
N ARG A 69 14.46 3.09 -11.24
CA ARG A 69 13.42 2.31 -11.87
C ARG A 69 12.12 2.22 -11.03
N LEU A 70 12.25 2.26 -9.70
CA LEU A 70 11.10 2.14 -8.83
C LEU A 70 10.55 3.52 -8.47
N GLU A 71 11.06 4.54 -9.16
CA GLU A 71 10.60 5.94 -9.02
C GLU A 71 10.77 6.59 -7.64
N VAL A 72 11.75 6.11 -6.89
CA VAL A 72 12.12 6.73 -5.61
C VAL A 72 12.80 8.08 -5.91
N PRO A 73 12.35 9.18 -5.25
CA PRO A 73 12.99 10.50 -5.54
C PRO A 73 14.52 10.47 -5.33
N GLU A 74 15.26 11.30 -6.06
CA GLU A 74 16.74 11.23 -6.05
C GLU A 74 17.27 11.46 -4.65
N LEU A 75 16.70 12.44 -3.96
CA LEU A 75 17.12 12.77 -2.60
C LEU A 75 17.11 11.52 -1.69
N ASP A 76 15.95 10.85 -1.61
CA ASP A 76 15.80 9.62 -0.82
C ASP A 76 16.70 8.45 -1.27
N ALA A 77 16.79 8.24 -2.58
CA ALA A 77 17.58 7.11 -3.14
C ALA A 77 19.02 7.19 -2.65
N GLU A 78 19.58 8.40 -2.76
CA GLU A 78 20.94 8.68 -2.38
C GLU A 78 21.10 8.37 -0.89
N GLU A 79 20.15 8.81 -0.06
CA GLU A 79 20.20 8.48 1.37
C GLU A 79 20.02 7.00 1.64
N ILE A 80 19.22 6.33 0.80
CA ILE A 80 18.99 4.91 0.97
C ILE A 80 20.33 4.14 0.72
N VAL A 81 21.01 4.48 -0.37
CA VAL A 81 22.26 3.79 -0.70
C VAL A 81 23.31 4.07 0.40
N ALA A 82 23.38 5.32 0.89
CA ALA A 82 24.43 5.69 1.88
C ALA A 82 24.28 4.92 3.18
N ALA A 83 23.03 4.65 3.54
CA ALA A 83 22.72 4.04 4.85
C ALA A 83 22.57 2.53 4.82
N ALA A 84 22.67 1.93 3.64
CA ALA A 84 22.44 0.48 3.55
C ALA A 84 23.17 -0.26 4.66
N PRO A 85 22.44 -1.14 5.39
CA PRO A 85 23.03 -1.78 6.54
C PRO A 85 24.01 -2.87 6.15
N ASP A 86 24.70 -3.39 7.17
CA ASP A 86 25.81 -4.32 7.00
C ASP A 86 25.61 -5.47 8.00
N PRO A 87 25.81 -6.74 7.56
CA PRO A 87 25.68 -7.90 8.48
C PRO A 87 26.49 -7.77 9.79
N ASP A 88 27.74 -7.29 9.71
CA ASP A 88 28.64 -7.22 10.88
C ASP A 88 28.36 -6.06 11.83
N ARG A 89 28.24 -4.84 11.31
CA ARG A 89 27.95 -3.67 12.15
C ARG A 89 26.49 -3.57 12.60
N ASP A 90 25.57 -4.10 11.80
CA ASP A 90 24.14 -4.00 12.08
C ASP A 90 23.55 -5.41 12.24
N PRO A 91 23.99 -6.18 13.26
CA PRO A 91 23.59 -7.60 13.34
C PRO A 91 22.12 -7.81 13.63
N ALA A 92 21.55 -7.07 14.59
CA ALA A 92 20.14 -7.20 14.95
C ALA A 92 19.26 -6.84 13.76
N LEU A 93 19.57 -5.73 13.11
CA LEU A 93 18.84 -5.26 11.91
C LEU A 93 18.92 -6.25 10.77
N TRP A 94 20.13 -6.74 10.48
CA TRP A 94 20.32 -7.75 9.44
C TRP A 94 19.52 -9.03 9.71
N TRP A 95 19.48 -9.44 10.96
CA TRP A 95 18.73 -10.60 11.38
C TRP A 95 17.28 -10.45 10.99
N LEU A 96 16.70 -9.31 11.36
CA LEU A 96 15.31 -8.95 11.05
C LEU A 96 15.04 -8.80 9.55
N LEU A 97 16.01 -8.27 8.82
CA LEU A 97 15.90 -8.06 7.39
C LEU A 97 15.70 -9.37 6.65
N GLU A 98 16.54 -10.35 6.95
CA GLU A 98 16.49 -11.68 6.31
C GLU A 98 15.19 -12.44 6.64
N ARG A 99 14.80 -12.43 7.89
CA ARG A 99 13.60 -13.13 8.33
C ARG A 99 12.29 -12.46 7.84
N THR A 100 12.26 -11.12 7.83
CA THR A 100 11.13 -10.36 7.31
C THR A 100 10.97 -10.65 5.80
N HIS A 101 12.07 -10.53 5.06
CA HIS A 101 12.10 -10.99 3.68
C HIS A 101 11.53 -12.38 3.49
N HIS A 102 12.01 -13.32 4.31
CA HIS A 102 11.56 -14.69 4.26
C HIS A 102 10.09 -14.81 4.56
N ALA A 103 9.63 -14.05 5.56
CA ALA A 103 8.24 -14.09 5.98
C ALA A 103 7.30 -13.64 4.83
N ILE A 104 7.83 -12.80 3.93
CA ILE A 104 7.06 -12.33 2.76
C ILE A 104 7.04 -13.36 1.64
N VAL A 105 8.21 -13.83 1.21
CA VAL A 105 8.30 -14.78 0.08
C VAL A 105 7.64 -16.14 0.34
N ARG A 106 7.55 -16.55 1.61
CA ARG A 106 6.91 -17.81 1.92
C ARG A 106 5.42 -17.72 1.52
N HIS A 107 4.86 -16.51 1.40
CA HIS A 107 3.46 -16.38 0.94
C HIS A 107 3.33 -15.84 -0.44
N MET A 108 4.35 -16.02 -1.26
CA MET A 108 4.33 -15.52 -2.63
C MET A 108 3.09 -16.04 -3.36
N GLY A 109 2.34 -15.16 -4.02
CA GLY A 109 1.15 -15.58 -4.75
C GLY A 109 -0.07 -15.89 -3.89
N ASP A 110 0.05 -15.76 -2.58
CA ASP A 110 -0.99 -16.26 -1.70
C ASP A 110 -1.81 -15.12 -1.11
N HIS A 111 -3.00 -14.90 -1.63
CA HIS A 111 -3.80 -13.76 -1.18
C HIS A 111 -4.59 -14.07 0.03
N ARG A 112 -4.59 -15.32 0.47
CA ARG A 112 -5.34 -15.65 1.68
C ARG A 112 -4.51 -15.36 2.95
N ALA A 113 -3.19 -15.28 2.84
CA ALA A 113 -2.37 -14.84 3.98
C ALA A 113 -2.59 -13.37 4.39
N LYS A 114 -2.56 -13.06 5.69
CA LYS A 114 -2.66 -11.68 6.15
C LYS A 114 -1.43 -10.86 5.70
N PRO A 115 -1.59 -9.55 5.47
CA PRO A 115 -0.50 -8.68 5.04
C PRO A 115 0.40 -8.28 6.23
N ARG A 116 1.26 -9.19 6.68
CA ARG A 116 2.11 -8.80 7.81
C ARG A 116 3.49 -8.40 7.30
N GLY A 117 3.75 -7.09 7.37
CA GLY A 117 5.03 -6.52 6.94
C GLY A 117 6.06 -6.41 8.07
N GLY A 118 5.60 -6.57 9.32
CA GLY A 118 6.46 -6.35 10.47
C GLY A 118 6.36 -4.92 11.01
N PRO A 119 6.83 -4.68 12.26
CA PRO A 119 6.70 -3.36 12.84
C PRO A 119 7.62 -2.33 12.19
N PRO A 120 7.27 -1.04 12.32
CA PRO A 120 8.25 -0.02 11.96
C PRO A 120 9.38 -0.01 13.04
N LEU A 121 10.59 0.43 12.67
CA LEU A 121 11.73 0.45 13.60
C LEU A 121 11.87 1.84 14.21
N PRO A 122 12.09 1.91 15.52
CA PRO A 122 12.33 3.23 16.15
C PRO A 122 13.39 4.07 15.40
N TYR A 123 13.13 5.36 15.20
CA TYR A 123 14.01 6.22 14.41
C TYR A 123 15.34 6.61 15.12
N GLU A 124 15.51 6.16 16.37
CA GLU A 124 16.77 6.36 17.09
C GLU A 124 17.86 5.49 16.48
N GLY A 125 17.46 4.43 15.75
CA GLY A 125 18.42 3.63 14.97
C GLY A 125 18.94 4.33 13.72
N GLY A 126 18.48 5.53 13.45
CA GLY A 126 19.02 6.25 12.31
C GLY A 126 18.43 5.90 10.95
N ALA A 127 19.18 6.24 9.90
CA ALA A 127 18.76 6.06 8.51
C ALA A 127 18.46 4.60 8.14
N ALA A 128 19.27 3.66 8.60
CA ALA A 128 18.98 2.26 8.28
C ALA A 128 17.68 1.77 8.95
N ALA A 129 17.33 2.31 10.13
CA ALA A 129 16.06 2.00 10.76
C ALA A 129 14.90 2.63 9.99
N ARG A 130 15.02 3.92 9.64
CA ARG A 130 14.00 4.65 8.86
C ARG A 130 13.66 3.99 7.51
N TYR A 131 14.68 3.51 6.82
CA TYR A 131 14.48 2.92 5.52
C TYR A 131 14.44 1.37 5.57
N PHE A 132 14.29 0.78 6.75
CA PHE A 132 14.38 -0.68 6.87
C PHE A 132 13.51 -1.37 5.82
N HIS A 133 12.25 -0.95 5.67
CA HIS A 133 11.29 -1.65 4.79
C HIS A 133 11.53 -1.36 3.34
N VAL A 134 12.28 -0.28 3.08
CA VAL A 134 12.83 -0.11 1.74
C VAL A 134 13.86 -1.19 1.41
N TYR A 135 14.73 -1.50 2.38
CA TYR A 135 15.70 -2.60 2.17
C TYR A 135 15.00 -3.96 1.96
N VAL A 136 14.02 -4.26 2.81
CA VAL A 136 13.17 -5.44 2.61
C VAL A 136 12.61 -5.49 1.18
N PHE A 137 12.02 -4.37 0.74
CA PHE A 137 11.47 -4.32 -0.61
C PHE A 137 12.56 -4.57 -1.66
N LEU A 138 13.71 -3.88 -1.58
CA LEU A 138 14.76 -4.08 -2.60
C LEU A 138 15.27 -5.52 -2.59
N ALA A 139 15.39 -6.10 -1.39
CA ALA A 139 15.90 -7.45 -1.25
C ALA A 139 14.89 -8.47 -1.85
N THR A 140 13.62 -8.07 -1.95
CA THR A 140 12.54 -8.98 -2.36
C THR A 140 12.19 -8.80 -3.83
N VAL A 141 12.70 -7.74 -4.47
CA VAL A 141 12.40 -7.50 -5.90
C VAL A 141 12.72 -8.71 -6.83
N PRO A 142 13.92 -9.35 -6.67
CA PRO A 142 14.22 -10.48 -7.58
C PRO A 142 13.19 -11.63 -7.46
N ALA A 143 12.81 -12.00 -6.24
CA ALA A 143 11.79 -13.04 -6.05
C ALA A 143 10.44 -12.70 -6.72
N VAL A 144 9.90 -11.49 -6.49
CA VAL A 144 8.58 -11.19 -7.09
C VAL A 144 8.71 -11.08 -8.59
N ARG A 145 9.87 -10.60 -9.07
CA ARG A 145 10.02 -10.49 -10.51
C ARG A 145 10.09 -11.91 -11.10
N ARG A 146 10.59 -12.88 -10.32
CA ARG A 146 10.59 -14.28 -10.79
C ARG A 146 9.17 -14.79 -10.84
N PHE A 147 8.41 -14.48 -9.80
CA PHE A 147 7.01 -14.86 -9.77
C PHE A 147 6.27 -14.23 -10.96
N HIS A 148 6.55 -12.97 -11.30
CA HIS A 148 5.92 -12.31 -12.46
C HIS A 148 6.19 -13.06 -13.75
N ALA A 149 7.46 -13.40 -13.95
CA ALA A 149 7.91 -14.19 -15.11
C ALA A 149 7.18 -15.54 -15.19
N GLU A 150 7.13 -16.30 -14.10
CA GLU A 150 6.41 -17.57 -14.06
C GLU A 150 4.95 -17.45 -14.47
N ARG A 151 4.33 -16.30 -14.17
CA ARG A 151 2.90 -16.11 -14.46
C ARG A 151 2.73 -15.50 -15.85
N GLY A 152 3.82 -15.26 -16.55
CA GLY A 152 3.77 -14.56 -17.83
C GLY A 152 3.36 -13.08 -17.78
N ILE A 153 3.57 -12.39 -16.66
CA ILE A 153 3.20 -10.97 -16.54
C ILE A 153 4.18 -10.17 -17.42
N PRO A 154 3.67 -9.28 -18.30
CA PRO A 154 4.60 -8.38 -19.04
C PRO A 154 5.49 -7.56 -18.10
N ASP A 155 6.75 -7.39 -18.51
CA ASP A 155 7.72 -6.63 -17.71
C ASP A 155 7.22 -5.23 -17.35
N GLU A 156 6.59 -4.54 -18.30
CA GLU A 156 6.12 -3.18 -18.06
CA GLU A 156 6.07 -3.18 -18.09
C GLU A 156 5.06 -3.14 -16.96
N VAL A 157 4.24 -4.22 -16.85
CA VAL A 157 3.21 -4.30 -15.79
C VAL A 157 3.89 -4.54 -14.46
N GLY A 158 4.81 -5.49 -14.44
CA GLY A 158 5.62 -5.79 -13.27
C GLY A 158 6.25 -4.54 -12.70
N TRP A 159 7.06 -3.84 -13.52
CA TRP A 159 7.69 -2.60 -13.10
C TRP A 159 6.69 -1.53 -12.73
N GLU A 160 5.66 -1.32 -13.54
CA GLU A 160 4.74 -0.25 -13.22
C GLU A 160 4.11 -0.49 -11.81
N THR A 161 3.85 -1.77 -11.49
CA THR A 161 3.29 -2.16 -10.20
C THR A 161 4.25 -1.81 -9.06
N LEU A 162 5.51 -2.16 -9.21
CA LEU A 162 6.50 -1.97 -8.16
C LEU A 162 6.87 -0.52 -7.88
N THR A 163 6.62 0.40 -8.83
CA THR A 163 6.94 1.81 -8.67
C THR A 163 6.15 2.50 -7.57
N GLN A 164 5.14 1.87 -6.99
CA GLN A 164 4.50 2.52 -5.84
C GLN A 164 5.48 2.71 -4.69
N LEU A 165 6.57 1.94 -4.67
CA LEU A 165 7.59 2.19 -3.63
C LEU A 165 8.00 3.68 -3.60
N GLY A 166 8.31 4.23 -4.76
CA GLY A 166 8.67 5.63 -4.86
C GLY A 166 7.63 6.57 -4.31
N GLU A 167 6.36 6.27 -4.60
CA GLU A 167 5.23 7.11 -4.14
C GLU A 167 5.19 7.05 -2.66
N LEU A 168 5.38 5.85 -2.09
CA LEU A 168 5.22 5.67 -0.63
C LEU A 168 6.41 6.29 0.14
N VAL A 169 7.59 6.24 -0.48
CA VAL A 169 8.78 6.90 0.10
C VAL A 169 8.54 8.42 0.15
N ALA A 170 8.10 9.01 -0.98
CA ALA A 170 7.79 10.44 -1.13
C ALA A 170 6.72 10.88 -0.16
N ILE A 171 5.69 10.06 0.01
CA ILE A 171 4.66 10.36 1.01
C ILE A 171 5.22 10.43 2.44
N HIS A 172 6.13 9.53 2.78
CA HIS A 172 6.69 9.56 4.14
C HIS A 172 7.36 10.89 4.37
N ARG A 173 8.20 11.32 3.41
CA ARG A 173 8.86 12.61 3.52
C ARG A 173 7.87 13.78 3.63
N ARG A 174 6.80 13.78 2.82
N ARG A 174 6.80 13.77 2.84
CA ARG A 174 5.76 14.83 2.91
CA ARG A 174 5.81 14.84 2.88
C ARG A 174 5.16 14.87 4.29
C ARG A 174 5.07 14.88 4.23
N LYS A 175 4.76 13.71 4.77
CA LYS A 175 4.01 13.59 6.00
C LYS A 175 4.86 13.93 7.23
N TYR A 176 6.13 13.52 7.24
CA TYR A 176 6.91 13.56 8.49
C TYR A 176 8.14 14.44 8.42
N GLY A 177 8.54 14.79 7.21
CA GLY A 177 9.62 15.73 7.01
C GLY A 177 11.00 15.12 6.92
N GLN A 178 11.14 13.83 7.22
CA GLN A 178 12.38 13.12 6.89
C GLN A 178 12.11 11.82 6.13
N GLY A 179 13.16 11.28 5.50
CA GLY A 179 13.13 10.04 4.74
C GLY A 179 12.65 8.82 5.49
N GLY A 180 11.88 7.98 4.82
CA GLY A 180 11.37 6.72 5.43
C GLY A 180 10.33 6.02 4.54
N MET A 181 9.70 4.94 5.04
CA MET A 181 8.62 4.28 4.31
C MET A 181 7.94 3.43 5.34
N ASN A 182 6.82 3.91 5.86
CA ASN A 182 6.13 3.17 6.91
C ASN A 182 4.81 2.47 6.51
N MET A 183 4.69 2.14 5.22
N MET A 183 4.68 2.17 5.22
CA MET A 183 3.51 1.47 4.71
CA MET A 183 3.50 1.48 4.67
C MET A 183 3.83 0.06 4.25
C MET A 183 3.81 0.04 4.26
N GLN A 184 4.71 -0.61 5.01
CA GLN A 184 5.14 -1.95 4.69
C GLN A 184 4.02 -3.00 4.68
N TRP A 185 2.91 -2.77 5.39
CA TRP A 185 1.79 -3.74 5.34
C TRP A 185 1.20 -3.78 3.94
N TRP A 186 1.14 -2.62 3.31
CA TRP A 186 0.64 -2.41 1.95
C TRP A 186 1.56 -2.96 0.90
N THR A 187 2.85 -2.68 1.01
CA THR A 187 3.81 -3.29 0.05
C THR A 187 3.91 -4.82 0.10
N THR A 188 3.36 -5.49 1.14
CA THR A 188 3.34 -6.99 1.09
C THR A 188 2.51 -7.49 -0.09
N TYR A 189 1.48 -6.71 -0.49
CA TYR A 189 0.64 -7.05 -1.70
C TYR A 189 1.48 -7.01 -2.98
N HIS A 190 2.23 -5.92 -3.20
CA HIS A 190 3.04 -5.84 -4.43
C HIS A 190 4.05 -6.96 -4.43
N LEU A 191 4.66 -7.20 -3.29
CA LEU A 191 5.81 -8.12 -3.20
C LEU A 191 5.41 -9.58 -3.14
N ARG A 192 4.13 -9.85 -2.86
CA ARG A 192 3.65 -11.21 -3.01
C ARG A 192 3.07 -11.45 -4.39
N GLY A 193 3.12 -10.47 -5.27
CA GLY A 193 2.63 -10.76 -6.59
C GLY A 193 1.11 -10.95 -6.63
N ILE A 194 0.39 -10.35 -5.68
CA ILE A 194 -1.06 -10.41 -5.69
C ILE A 194 -1.77 -9.09 -6.03
N LEU A 195 -1.00 -8.04 -6.32
N LEU A 195 -0.97 -8.05 -6.32
CA LEU A 195 -1.61 -6.78 -6.71
CA LEU A 195 -1.50 -6.73 -6.65
C LEU A 195 -0.84 -6.25 -7.91
C LEU A 195 -0.82 -6.30 -7.94
N TYR A 196 -1.58 -5.72 -8.88
CA TYR A 196 -1.01 -5.24 -10.16
C TYR A 196 -1.60 -3.93 -10.49
N ARG A 197 -0.77 -3.00 -10.97
CA ARG A 197 -1.28 -1.74 -11.46
C ARG A 197 -1.48 -1.91 -12.96
N LEU A 198 -2.68 -1.59 -13.42
CA LEU A 198 -3.06 -1.79 -14.79
C LEU A 198 -3.55 -0.42 -15.28
N GLY A 199 -2.63 0.52 -15.48
CA GLY A 199 -3.05 1.88 -15.90
C GLY A 199 -3.31 2.74 -14.67
N ARG A 200 -4.42 3.47 -14.64
CA ARG A 200 -4.63 4.38 -13.51
C ARG A 200 -4.93 3.65 -12.17
N LEU A 201 -5.55 2.46 -12.25
CA LEU A 201 -6.03 1.72 -11.06
C LEU A 201 -5.19 0.48 -10.78
N GLN A 202 -5.17 0.07 -9.51
CA GLN A 202 -4.64 -1.21 -9.11
C GLN A 202 -5.77 -2.23 -8.82
N PHE A 203 -5.44 -3.49 -9.01
CA PHE A 203 -6.34 -4.61 -8.77
C PHE A 203 -5.58 -5.69 -8.01
N SER A 204 -6.19 -6.15 -6.92
CA SER A 204 -5.61 -7.27 -6.21
C SER A 204 -6.52 -8.52 -6.22
N LEU A 205 -5.89 -9.69 -6.26
CA LEU A 205 -6.58 -10.98 -6.06
C LEU A 205 -7.17 -10.97 -4.67
N ALA A 206 -8.47 -11.15 -4.56
CA ALA A 206 -9.10 -11.06 -3.25
C ALA A 206 -10.27 -12.05 -3.15
N THR A 207 -10.78 -12.21 -1.94
N THR A 207 -10.69 -12.31 -1.92
CA THR A 207 -11.85 -13.18 -1.69
CA THR A 207 -11.89 -13.12 -1.69
C THR A 207 -12.80 -12.69 -0.62
C THR A 207 -12.84 -12.43 -0.73
N GLY A 208 -14.11 -12.74 -0.88
CA GLY A 208 -15.12 -12.30 0.08
C GLY A 208 -15.11 -13.20 1.32
N LYS A 209 -15.91 -12.85 2.34
CA LYS A 209 -16.06 -13.69 3.56
C LYS A 209 -16.49 -15.09 3.22
N ASP A 210 -17.37 -15.23 2.23
CA ASP A 210 -17.84 -16.55 1.84
C ASP A 210 -16.92 -17.21 0.84
N GLY A 211 -15.71 -16.68 0.70
CA GLY A 211 -14.74 -17.26 -0.24
C GLY A 211 -14.86 -16.91 -1.72
N THR A 212 -15.91 -16.20 -2.11
CA THR A 212 -16.10 -15.85 -3.51
C THR A 212 -14.98 -14.88 -4.01
N PRO A 213 -14.34 -15.21 -5.16
CA PRO A 213 -13.24 -14.44 -5.73
C PRO A 213 -13.76 -13.11 -6.16
N HIS A 214 -13.01 -12.07 -5.84
CA HIS A 214 -13.23 -10.76 -6.53
C HIS A 214 -11.90 -10.07 -6.75
N LEU A 215 -11.91 -8.89 -7.40
CA LEU A 215 -10.67 -8.06 -7.47
C LEU A 215 -10.82 -6.88 -6.53
N GLY A 216 -9.84 -6.68 -5.62
CA GLY A 216 -9.81 -5.44 -4.82
C GLY A 216 -9.29 -4.30 -5.68
N LEU A 217 -9.96 -3.17 -5.66
CA LEU A 217 -9.60 -2.04 -6.50
C LEU A 217 -8.91 -1.03 -5.60
N ALA A 218 -7.80 -0.45 -6.04
CA ALA A 218 -7.15 0.63 -5.25
C ALA A 218 -6.71 1.73 -6.21
N VAL A 219 -6.54 2.93 -5.67
CA VAL A 219 -6.25 4.08 -6.46
C VAL A 219 -4.94 4.68 -5.89
N PRO A 220 -3.82 4.48 -6.59
CA PRO A 220 -2.58 5.09 -6.20
C PRO A 220 -2.64 6.60 -6.42
N GLU A 221 -1.86 7.31 -5.61
CA GLU A 221 -1.86 8.75 -5.67
C GLU A 221 -1.22 9.24 -6.97
N TRP A 222 -0.07 8.69 -7.33
CA TRP A 222 0.63 9.16 -8.53
C TRP A 222 -0.06 8.72 -9.76
N GLY A 223 -0.14 9.61 -10.73
CA GLY A 223 -0.75 9.31 -11.99
C GLY A 223 -1.78 10.34 -12.39
N GLY A 224 -1.95 11.40 -11.62
CA GLY A 224 -2.91 12.44 -12.05
C GLY A 224 -4.37 12.18 -11.67
N PRO A 225 -5.30 13.04 -12.14
CA PRO A 225 -6.72 12.90 -11.78
C PRO A 225 -7.33 11.58 -12.26
N LEU A 226 -8.41 11.19 -11.60
CA LEU A 226 -9.07 9.94 -11.90
C LEU A 226 -10.03 10.25 -13.05
N LEU A 227 -9.49 10.54 -14.22
CA LEU A 227 -10.33 10.88 -15.38
C LEU A 227 -11.20 9.71 -15.79
N PRO A 228 -12.50 9.95 -16.10
CA PRO A 228 -13.34 8.82 -16.55
C PRO A 228 -12.72 7.89 -17.60
N LYS A 229 -12.06 8.45 -18.62
CA LYS A 229 -11.41 7.61 -19.64
C LYS A 229 -10.26 6.75 -19.11
N ALA A 230 -9.51 7.27 -18.14
CA ALA A 230 -8.39 6.49 -17.60
C ALA A 230 -8.97 5.43 -16.69
N TYR A 231 -9.97 5.80 -15.90
CA TYR A 231 -10.66 4.82 -15.07
C TYR A 231 -11.24 3.68 -15.92
N ASP A 232 -11.90 4.02 -17.03
N ASP A 232 -11.89 4.05 -17.03
CA ASP A 232 -12.60 3.02 -17.84
CA ASP A 232 -12.58 3.09 -17.87
C ASP A 232 -11.66 2.09 -18.60
C ASP A 232 -11.62 2.10 -18.51
N GLU A 233 -10.50 2.62 -19.03
CA GLU A 233 -9.45 1.79 -19.62
C GLU A 233 -8.95 0.77 -18.61
N SER A 234 -8.63 1.21 -17.39
CA SER A 234 -8.20 0.28 -16.34
C SER A 234 -9.24 -0.80 -16.07
N LEU A 235 -10.50 -0.42 -15.93
CA LEU A 235 -11.55 -1.42 -15.73
C LEU A 235 -11.61 -2.43 -16.86
N HIS A 236 -11.38 -1.99 -18.10
CA HIS A 236 -11.36 -2.91 -19.22
C HIS A 236 -10.20 -3.82 -19.24
N ARG A 237 -9.12 -3.45 -18.59
N ARG A 237 -9.12 -3.40 -18.57
CA ARG A 237 -7.97 -4.34 -18.57
CA ARG A 237 -7.89 -4.19 -18.47
C ARG A 237 -8.07 -5.49 -17.55
C ARG A 237 -7.98 -5.40 -17.49
N ALA A 238 -8.87 -5.32 -16.50
CA ALA A 238 -8.84 -6.25 -15.35
C ALA A 238 -9.16 -7.69 -15.69
N ARG A 239 -10.36 -7.94 -16.21
CA ARG A 239 -10.70 -9.32 -16.57
C ARG A 239 -9.73 -10.04 -17.51
N PRO A 240 -9.36 -9.42 -18.64
CA PRO A 240 -8.40 -10.14 -19.48
C PRO A 240 -7.03 -10.37 -18.83
N PHE A 241 -6.61 -9.45 -17.97
CA PHE A 241 -5.32 -9.65 -17.33
C PHE A 241 -5.43 -10.84 -16.40
N PHE A 242 -6.42 -10.82 -15.51
CA PHE A 242 -6.50 -11.91 -14.52
C PHE A 242 -6.93 -13.29 -15.06
N ASP A 243 -7.85 -13.29 -16.03
CA ASP A 243 -8.16 -14.51 -16.75
C ASP A 243 -7.00 -15.11 -17.50
N ARG A 244 -6.14 -14.28 -18.11
CA ARG A 244 -4.90 -14.82 -18.67
C ARG A 244 -3.86 -15.31 -17.67
N HIS A 245 -3.57 -14.54 -16.63
CA HIS A 245 -2.41 -14.89 -15.82
C HIS A 245 -2.78 -15.60 -14.55
N PHE A 246 -4.01 -15.41 -14.11
CA PHE A 246 -4.52 -16.12 -12.89
C PHE A 246 -5.86 -16.76 -13.21
N PRO A 247 -5.87 -17.69 -14.19
CA PRO A 247 -7.15 -18.19 -14.70
C PRO A 247 -7.94 -18.91 -13.59
N GLU A 248 -7.24 -19.44 -12.58
CA GLU A 248 -7.93 -20.16 -11.52
C GLU A 248 -8.75 -19.21 -10.64
N HIS A 249 -8.52 -17.89 -10.70
CA HIS A 249 -9.20 -16.97 -9.75
C HIS A 249 -10.66 -16.77 -10.14
N GLY A 250 -10.92 -16.30 -11.33
CA GLY A 250 -12.32 -16.21 -11.81
C GLY A 250 -13.24 -15.11 -11.28
N ALA A 251 -12.71 -13.94 -10.91
CA ALA A 251 -13.57 -12.84 -10.45
C ALA A 251 -14.40 -12.28 -11.56
N ARG A 252 -15.61 -11.83 -11.22
CA ARG A 252 -16.49 -11.10 -12.15
C ARG A 252 -16.73 -9.67 -11.71
N VAL A 253 -16.32 -9.36 -10.48
N VAL A 253 -16.44 -9.36 -10.45
CA VAL A 253 -16.69 -8.13 -9.76
CA VAL A 253 -16.62 -7.99 -9.97
C VAL A 253 -15.49 -7.48 -9.06
C VAL A 253 -15.38 -7.46 -9.26
N ALA A 254 -15.37 -6.14 -9.13
CA ALA A 254 -14.35 -5.42 -8.41
C ALA A 254 -15.03 -4.86 -7.19
N TRP A 255 -14.35 -4.93 -6.04
N TRP A 255 -14.39 -4.99 -6.02
CA TRP A 255 -14.88 -4.38 -4.81
CA TRP A 255 -14.90 -4.38 -4.80
C TRP A 255 -13.98 -3.32 -4.25
C TRP A 255 -14.03 -3.20 -4.48
N GLY A 256 -14.57 -2.30 -3.67
CA GLY A 256 -13.80 -1.21 -3.04
C GLY A 256 -14.43 -0.73 -1.75
N SER A 257 -13.59 -0.26 -0.83
CA SER A 257 -13.98 0.44 0.38
C SER A 257 -13.20 1.71 0.41
N SER A 258 -13.90 2.83 0.53
CA SER A 258 -13.19 4.08 0.40
C SER A 258 -14.02 5.24 0.86
N TRP A 259 -13.32 6.27 1.33
CA TRP A 259 -13.95 7.55 1.64
C TRP A 259 -14.57 8.10 0.38
N MET A 260 -14.07 7.66 -0.78
CA MET A 260 -14.50 8.19 -2.08
C MET A 260 -15.92 7.74 -2.45
N LEU A 261 -16.40 6.71 -1.78
CA LEU A 261 -17.71 6.16 -2.04
C LEU A 261 -18.78 6.75 -1.06
N ASP A 262 -18.38 7.69 -0.20
CA ASP A 262 -19.29 8.35 0.75
C ASP A 262 -20.22 9.31 -0.02
N PRO A 263 -21.51 8.97 -0.14
CA PRO A 263 -22.49 9.83 -0.84
C PRO A 263 -22.58 11.23 -0.19
N GLN A 264 -22.10 11.37 1.06
CA GLN A 264 -22.04 12.70 1.64
C GLN A 264 -21.20 13.70 0.84
N LEU A 265 -20.29 13.22 -0.05
CA LEU A 265 -19.45 14.16 -0.82
C LEU A 265 -20.30 14.99 -1.77
N GLU A 266 -21.50 14.50 -2.07
CA GLU A 266 -22.40 15.12 -3.03
C GLU A 266 -22.87 16.51 -2.52
N GLU A 267 -22.97 16.68 -1.21
N GLU A 267 -22.95 16.68 -1.20
CA GLU A 267 -23.21 17.98 -0.63
CA GLU A 267 -23.23 17.99 -0.61
C GLU A 267 -22.21 19.02 -1.17
C GLU A 267 -22.15 19.03 -0.87
N TYR A 268 -20.95 18.62 -1.29
CA TYR A 268 -19.83 19.59 -1.48
C TYR A 268 -19.18 19.65 -2.84
N LEU A 269 -19.11 18.55 -3.58
CA LEU A 269 -18.39 18.58 -4.86
C LEU A 269 -19.36 18.78 -6.01
N THR A 270 -18.92 19.45 -7.08
CA THR A 270 -19.80 19.62 -8.25
C THR A 270 -19.87 18.41 -9.15
N GLU A 271 -20.56 18.62 -10.27
CA GLU A 271 -20.82 17.59 -11.23
C GLU A 271 -19.62 17.32 -12.13
N ASP A 272 -18.68 18.24 -12.13
CA ASP A 272 -17.44 18.06 -12.86
C ASP A 272 -16.46 17.15 -12.07
N SER A 273 -16.69 16.98 -10.77
CA SER A 273 -15.84 16.12 -9.92
C SER A 273 -15.70 14.74 -10.54
N ASN A 274 -14.47 14.27 -10.69
CA ASN A 274 -14.32 12.89 -11.17
C ASN A 274 -14.90 11.85 -10.19
N ILE A 275 -14.67 12.04 -8.90
CA ILE A 275 -15.17 11.13 -7.86
C ILE A 275 -16.71 11.04 -7.93
N ILE A 276 -17.41 12.18 -8.01
CA ILE A 276 -18.90 12.18 -8.09
C ILE A 276 -19.36 11.47 -9.35
N GLN A 277 -18.80 11.83 -10.50
CA GLN A 277 -19.16 11.15 -11.74
C GLN A 277 -18.95 9.65 -11.63
N LEU A 278 -17.76 9.19 -11.20
CA LEU A 278 -17.49 7.74 -11.21
C LEU A 278 -18.22 6.90 -10.14
N ALA A 279 -18.45 7.49 -8.96
CA ALA A 279 -19.14 6.79 -7.86
C ALA A 279 -20.58 6.40 -8.27
N ARG A 280 -21.16 7.14 -9.21
CA ARG A 280 -22.50 6.82 -9.74
C ARG A 280 -22.62 5.43 -10.37
N PHE A 281 -21.53 4.84 -10.85
CA PHE A 281 -21.61 3.46 -11.36
C PHE A 281 -21.50 2.41 -10.26
N TRP A 282 -21.24 2.84 -9.01
CA TRP A 282 -20.94 1.86 -7.97
C TRP A 282 -22.22 1.51 -7.27
N THR A 283 -22.33 0.27 -6.81
CA THR A 283 -23.48 -0.15 -6.00
C THR A 283 -22.98 -0.36 -4.59
N LEU A 284 -23.40 0.49 -3.66
CA LEU A 284 -23.01 0.33 -2.24
C LEU A 284 -23.73 -0.85 -1.59
N THR A 285 -23.01 -1.61 -0.77
CA THR A 285 -23.52 -2.88 -0.25
C THR A 285 -23.51 -2.85 1.27
N ASP A 286 -23.03 -1.78 1.85
CA ASP A 286 -23.09 -1.61 3.29
C ASP A 286 -24.32 -0.74 3.65
N SER A 287 -24.80 -0.88 4.88
CA SER A 287 -25.90 -0.07 5.39
C SER A 287 -25.43 1.34 5.68
N ALA A 288 -26.36 2.30 5.57
CA ALA A 288 -26.11 3.66 6.01
C ALA A 288 -25.43 3.63 7.40
N PRO A 289 -24.28 4.27 7.56
CA PRO A 289 -23.56 4.34 8.85
C PRO A 289 -24.28 5.23 9.83
N GLU A 290 -24.16 4.92 11.12
CA GLU A 290 -24.60 5.84 12.17
C GLU A 290 -23.83 7.14 12.02
N PRO A 291 -24.55 8.27 12.10
CA PRO A 291 -23.94 9.62 11.96
C PRO A 291 -22.85 9.91 12.99
N GLY A 292 -22.95 9.32 14.17
CA GLY A 292 -21.93 9.50 15.23
C GLY A 292 -20.67 8.66 15.03
N ASN A 293 -20.75 7.65 14.15
CA ASN A 293 -19.61 6.82 13.75
C ASN A 293 -18.47 7.66 13.14
N ALA A 294 -17.39 7.87 13.90
CA ALA A 294 -16.28 8.73 13.47
C ALA A 294 -15.10 7.97 12.82
N ASP A 295 -15.37 6.79 12.28
CA ASP A 295 -14.32 5.89 11.73
C ASP A 295 -13.65 6.28 10.42
N GLY A 296 -14.45 6.66 9.41
CA GLY A 296 -13.90 7.13 8.14
C GLY A 296 -13.21 8.48 8.23
N ASP A 297 -13.30 9.15 9.38
CA ASP A 297 -12.67 10.44 9.58
C ASP A 297 -11.16 10.38 9.34
N SER A 298 -10.48 9.42 9.97
CA SER A 298 -9.02 9.34 9.85
C SER A 298 -8.60 8.91 8.43
N SER A 299 -9.43 8.13 7.75
CA SER A 299 -9.10 7.72 6.40
C SER A 299 -9.10 8.91 5.43
N ILE A 300 -10.15 9.74 5.46
CA ILE A 300 -10.23 10.88 4.51
C ILE A 300 -9.14 11.92 4.84
N LEU A 301 -8.80 12.04 6.12
CA LEU A 301 -7.81 13.04 6.51
C LEU A 301 -6.44 12.58 5.99
N GLU A 302 -6.14 11.27 6.15
CA GLU A 302 -4.88 10.72 5.59
C GLU A 302 -4.77 11.01 4.09
N PHE A 303 -5.80 10.63 3.33
CA PHE A 303 -5.67 10.71 1.85
C PHE A 303 -5.78 12.06 1.26
N VAL A 304 -6.48 12.98 1.94
CA VAL A 304 -6.57 14.36 1.44
C VAL A 304 -5.40 15.21 1.96
N PHE A 305 -4.98 14.98 3.20
CA PHE A 305 -3.97 15.86 3.80
C PHE A 305 -2.69 15.13 4.25
N ARG A 306 -2.72 13.80 4.33
CA ARG A 306 -1.63 13.01 4.94
C ARG A 306 -1.54 13.54 6.35
N TYR A 307 -2.70 13.61 6.99
CA TYR A 307 -2.85 14.23 8.28
C TYR A 307 -1.96 13.57 9.35
N ASN A 308 -1.34 14.40 10.16
CA ASN A 308 -0.49 13.92 11.23
C ASN A 308 -0.71 14.82 12.45
N GLY A 309 -1.79 14.55 13.17
CA GLY A 309 -2.13 15.22 14.43
C GLY A 309 -2.39 16.73 14.50
N GLN A 310 -2.21 17.47 13.41
CA GLN A 310 -2.23 18.95 13.47
C GLN A 310 -3.62 19.63 13.44
N PRO A 311 -3.71 20.87 13.99
CA PRO A 311 -4.89 21.76 14.01
C PRO A 311 -5.61 21.95 12.65
N LEU A 312 -6.92 21.78 12.67
CA LEU A 312 -7.72 21.64 11.44
C LEU A 312 -7.75 22.87 10.52
N ASP A 313 -7.98 24.06 11.08
CA ASP A 313 -7.95 25.29 10.28
C ASP A 313 -6.52 25.65 9.85
N GLU A 314 -5.56 24.84 10.29
CA GLU A 314 -4.16 24.98 9.90
C GLU A 314 -3.88 24.24 8.58
N LEU A 315 -4.81 23.38 8.17
CA LEU A 315 -4.66 22.57 6.95
C LEU A 315 -5.01 23.39 5.71
N PRO A 316 -4.37 23.09 4.55
CA PRO A 316 -4.68 23.87 3.33
C PRO A 316 -6.17 23.86 2.99
N GLN A 317 -6.58 24.77 2.11
CA GLN A 317 -7.96 24.91 1.70
C GLN A 317 -8.03 25.32 0.23
N ARG A 318 -7.01 24.94 -0.54
CA ARG A 318 -6.88 25.25 -1.97
C ARG A 318 -8.01 24.71 -2.86
N SER A 319 -8.42 23.45 -2.63
CA SER A 319 -9.40 22.75 -3.51
C SER A 319 -10.76 22.61 -2.85
N SER A 320 -11.79 22.38 -3.67
CA SER A 320 -13.13 22.17 -3.17
C SER A 320 -13.20 21.00 -2.17
N LEU A 321 -12.45 19.94 -2.42
CA LEU A 321 -12.42 18.82 -1.49
C LEU A 321 -11.74 19.14 -0.15
N GLU A 322 -10.62 19.85 -0.21
CA GLU A 322 -9.94 20.28 1.02
C GLU A 322 -10.91 21.13 1.88
N ARG A 323 -11.64 22.05 1.24
CA ARG A 323 -12.64 22.90 1.94
C ARG A 323 -13.77 22.00 2.50
N ALA A 324 -14.23 21.07 1.66
CA ALA A 324 -15.31 20.16 2.04
C ALA A 324 -14.97 19.38 3.29
N VAL A 325 -13.78 18.80 3.31
CA VAL A 325 -13.47 17.89 4.41
C VAL A 325 -13.51 18.62 5.76
N ILE A 326 -12.92 19.80 5.79
CA ILE A 326 -12.84 20.61 7.02
C ILE A 326 -14.24 21.15 7.43
N ALA A 327 -14.92 21.79 6.47
CA ALA A 327 -16.30 22.28 6.65
C ALA A 327 -17.19 21.27 7.38
N HIS A 328 -17.33 20.09 6.79
CA HIS A 328 -18.15 19.01 7.31
C HIS A 328 -17.74 18.64 8.71
N LEU A 329 -16.43 18.53 8.94
CA LEU A 329 -15.92 18.19 10.26
C LEU A 329 -16.17 19.32 11.27
N LYS A 330 -15.91 20.57 10.86
CA LYS A 330 -16.27 21.74 11.66
C LYS A 330 -17.77 21.80 12.04
N ALA A 331 -18.65 21.51 11.08
CA ALA A 331 -20.09 21.44 11.32
C ALA A 331 -20.45 20.37 12.34
N GLY A 332 -19.45 19.68 12.92
CA GLY A 332 -19.75 18.58 13.84
C GLY A 332 -20.17 17.28 13.15
N ARG A 333 -19.97 17.18 11.85
CA ARG A 333 -20.41 15.95 11.12
C ARG A 333 -19.22 14.99 10.82
N HIS A 334 -19.53 13.75 10.43
CA HIS A 334 -18.54 12.69 10.18
C HIS A 334 -18.54 12.11 8.78
N TRP A 335 -17.34 11.69 8.34
CA TRP A 335 -17.13 11.02 7.05
C TRP A 335 -17.10 9.54 7.26
N HIS A 336 -17.57 8.80 6.27
CA HIS A 336 -17.64 7.34 6.40
C HIS A 336 -17.04 6.64 5.19
N MET A 337 -16.27 5.58 5.44
N MET A 337 -16.25 5.61 5.46
CA MET A 337 -15.80 4.69 4.38
CA MET A 337 -15.85 4.67 4.43
C MET A 337 -16.93 3.75 3.96
C MET A 337 -17.11 3.95 4.01
N ARG A 338 -17.34 3.83 2.71
CA ARG A 338 -18.43 3.00 2.20
C ARG A 338 -17.82 1.92 1.30
N THR A 339 -18.55 0.81 1.18
CA THR A 339 -18.17 -0.36 0.45
C THR A 339 -19.17 -0.62 -0.69
N GLY A 340 -18.69 -1.03 -1.85
CA GLY A 340 -19.56 -1.40 -2.96
C GLY A 340 -18.79 -2.11 -4.05
N PHE A 341 -19.47 -2.41 -5.16
CA PHE A 341 -18.89 -3.18 -6.24
C PHE A 341 -19.25 -2.62 -7.61
N VAL A 342 -18.49 -3.04 -8.62
CA VAL A 342 -18.85 -2.82 -10.02
C VAL A 342 -18.53 -4.11 -10.72
N LYS A 343 -19.42 -4.54 -11.59
CA LYS A 343 -19.14 -5.66 -12.50
C LYS A 343 -17.95 -5.38 -13.43
N LEU A 344 -17.08 -6.35 -13.61
CA LEU A 344 -15.96 -6.17 -14.51
C LEU A 344 -16.47 -6.25 -15.95
N PRO A 345 -16.13 -5.25 -16.80
CA PRO A 345 -16.55 -5.30 -18.22
C PRO A 345 -15.85 -6.45 -18.93
N GHP B 1 -9.94 4.69 12.85
CA GHP B 1 -9.46 4.14 11.54
C GHP B 1 -8.02 4.55 11.33
O GHP B 1 -7.24 4.60 12.28
C1 GHP B 1 -9.60 2.67 11.58
C2 GHP B 1 -8.70 1.89 12.35
C3 GHP B 1 -8.81 0.50 12.39
C4 GHP B 1 -9.84 -0.11 11.66
O4 GHP B 1 -9.96 -1.47 11.69
C5 GHP B 1 -10.73 0.65 10.90
C6 GHP B 1 -10.62 2.04 10.85
OBD 3MY B 2 -5.60 3.56 4.01
CZ 3MY B 2 -5.55 4.16 5.22
CE2 3MY B 2 -4.31 4.62 5.81
CD2 3MY B 2 -4.31 5.21 7.05
CL 3MY B 2 -2.77 4.48 4.94
CE1 3MY B 2 -6.71 4.31 5.94
CD1 3MY B 2 -6.67 4.92 7.19
CG 3MY B 2 -5.48 5.35 7.75
CB 3MY B 2 -5.48 5.97 9.11
CA 3MY B 2 -5.87 4.95 10.18
C 3MY B 2 -4.65 3.95 10.33
O 3MY B 2 -3.50 4.37 10.52
N 3MY B 2 -7.38 4.62 10.15
N 3FG B 3 -4.91 2.65 10.23
OD1 3FG B 3 -3.48 -1.53 14.23
CD1 3FG B 3 -4.31 -0.84 13.42
CG1 3FG B 3 -3.76 -0.09 12.37
CZ 3FG B 3 -5.69 -0.88 13.63
CD2 3FG B 3 -6.55 -0.16 12.78
OD2 3FG B 3 -7.91 -0.17 12.95
CG2 3FG B 3 -5.99 0.57 11.74
CB 3FG B 3 -4.61 0.61 11.52
CA 3FG B 3 -4.08 1.44 10.40
C 3FG B 3 -3.94 0.63 9.13
O 3FG B 3 -2.84 0.55 8.58
N GHP B 4 -5.10 0.27 8.09
CA GHP B 4 -5.04 -0.53 6.83
C GHP B 4 -5.75 -1.85 6.90
O GHP B 4 -6.95 -1.85 7.08
C1 GHP B 4 -5.47 0.21 5.57
C2 GHP B 4 -5.30 1.56 5.39
C3 GHP B 4 -5.68 2.18 4.22
C4 GHP B 4 -6.23 1.49 3.16
O4 GHP B 4 -6.60 2.07 2.01
C5 GHP B 4 -6.42 0.15 3.27
C6 GHP B 4 -6.03 -0.44 4.45
N GHP B 5 -5.00 -3.15 7.13
CA GHP B 5 -5.66 -4.38 6.75
C GHP B 5 -5.11 -4.80 5.40
O GHP B 5 -4.02 -4.36 4.99
C1 GHP B 5 -5.43 -5.47 7.70
C2 GHP B 5 -4.12 -5.77 8.01
C3 GHP B 5 -3.87 -6.79 8.89
C4 GHP B 5 -4.91 -7.51 9.45
O4 GHP B 5 -4.57 -8.49 10.30
C5 GHP B 5 -6.23 -7.21 9.16
C6 GHP B 5 -6.47 -6.18 8.27
N OMY B 6 -5.83 -5.65 4.69
CA OMY B 6 -7.15 -6.18 5.02
OCZ OMY B 6 -7.14 -0.58 2.18
CE2 OMY B 6 -6.67 -2.90 2.07
CE1 OMY B 6 -8.46 -2.13 3.52
CZ OMY B 6 -7.39 -1.85 2.55
CG OMY B 6 -7.95 -4.46 3.41
CD2 OMY B 6 -6.95 -4.18 2.50
CD1 OMY B 6 -8.70 -3.44 3.93
CB OMY B 6 -8.17 -5.85 3.87
CL OMY B 6 -9.40 -0.76 4.15
O OMY B 6 -6.19 -8.37 5.10
C OMY B 6 -7.03 -7.61 5.56
ODE OMY B 6 -8.19 -6.70 2.74
N 3FG B 7 -7.85 -7.96 6.55
OD1 3FG B 7 -7.71 -6.30 11.56
CD1 3FG B 7 -8.27 -7.22 10.72
CG1 3FG B 7 -7.61 -7.64 9.55
CZ 3FG B 7 -9.52 -7.72 11.08
CD2 3FG B 7 -10.17 -8.65 10.27
OD2 3FG B 7 -11.39 -9.14 10.61
CG2 3FG B 7 -9.54 -9.08 9.11
CB 3FG B 7 -8.27 -8.60 8.74
CA 3FG B 7 -7.65 -9.08 7.46
C 3FG B 7 -8.28 -10.35 6.92
O 3FG B 7 -9.12 -10.31 6.01
OXT 3FG B 7 -7.94 -11.44 7.37
N1A COA C . -6.21 16.21 -2.17
C2A COA C . -6.59 17.46 -2.37
N3A COA C . -7.49 17.83 -3.25
C4A COA C . -8.09 16.93 -4.03
C5A COA C . -7.72 15.55 -3.88
C6A COA C . -6.71 15.22 -2.88
N6A COA C . -6.29 13.99 -2.64
N7A COA C . -8.44 14.90 -4.77
C8A COA C . -9.19 15.76 -5.42
N9A COA C . -8.97 16.99 -4.97
C1B COA C . -9.63 18.20 -5.42
C2B COA C . -9.49 18.40 -6.90
O2B COA C . -8.35 19.14 -7.22
C3B COA C . -10.75 19.12 -7.23
O3B COA C . -10.59 20.47 -6.87
P3B COA C . -11.35 21.67 -7.53
O7A COA C . -12.74 21.34 -7.58
O8A COA C . -11.08 22.69 -6.55
O9A COA C . -10.78 21.82 -8.85
C4B COA C . -11.74 18.46 -6.31
O4B COA C . -11.01 18.04 -5.20
C5B COA C . -12.45 17.30 -6.97
O5B COA C . -11.59 16.30 -7.44
P1A COA C . -12.08 15.06 -8.23
O1A COA C . -12.11 15.33 -9.63
O2A COA C . -13.22 14.60 -7.55
O3A COA C . -10.88 14.06 -7.96
P2A COA C . -9.51 13.89 -8.71
O4A COA C . -9.72 13.08 -9.83
O5A COA C . -8.93 15.12 -8.99
O6A COA C . -8.60 13.15 -7.70
CBP COA C . -7.51 11.19 -6.72
CCP COA C . -8.74 11.81 -7.34
CDP COA C . -7.88 9.81 -6.26
CEP COA C . -6.41 11.06 -7.73
CAP COA C . -6.96 12.00 -5.55
OAP COA C . -7.94 12.21 -4.58
C9P COA C . -5.77 11.35 -4.90
O9P COA C . -4.72 11.34 -5.46
N8P COA C . -5.92 10.81 -3.73
C7P COA C . -4.91 10.07 -3.05
C6P COA C . -5.10 8.57 -3.22
C5P COA C . -6.43 8.08 -2.73
O5P COA C . -7.15 8.77 -2.05
N4P COA C . -6.76 6.89 -3.10
C3P COA C . -7.88 6.17 -2.60
C2P COA C . -7.57 5.48 -1.30
S1P COA C . -8.92 4.48 -0.71
S SO4 D . -1.40 -15.45 8.34
O1 SO4 D . -0.24 -14.66 7.82
O2 SO4 D . -1.13 -16.91 8.19
O3 SO4 D . -1.63 -15.13 9.77
O4 SO4 D . -2.59 -15.10 7.55
S SO4 E . -18.99 -11.53 1.85
O1 SO4 E . -17.64 -10.97 2.15
O2 SO4 E . -19.50 -10.90 0.61
O3 SO4 E . -18.95 -13.02 1.65
O4 SO4 E . -19.91 -11.17 2.97
C1 NAG F . -9.01 -7.07 1.92
C2 NAG F . -9.21 -6.95 0.42
C3 NAG F . -10.70 -7.06 0.13
C4 NAG F . -11.22 -8.39 0.68
C5 NAG F . -10.69 -8.74 2.07
C6 NAG F . -11.04 -10.21 2.35
C7 NAG F . -7.70 -5.77 -1.04
C8 NAG F . -7.34 -4.44 -1.64
N2 NAG F . -8.64 -5.73 -0.11
O3 NAG F . -10.94 -6.87 -1.26
O4 NAG F . -12.63 -8.35 0.84
O5 NAG F . -9.31 -8.44 2.18
O6 NAG F . -10.00 -11.00 2.92
O7 NAG F . -7.17 -6.80 -1.35
C1 MAN G . -7.33 -5.66 13.02
C2 MAN G . -6.34 -4.69 13.63
C3 MAN G . -4.95 -5.31 13.60
C4 MAN G . -4.90 -6.74 14.05
C5 MAN G . -6.03 -7.56 13.47
C6 MAN G . -6.13 -8.92 14.13
O2 MAN G . -6.75 -4.33 14.96
O3 MAN G . -4.09 -4.56 14.44
O4 MAN G . -3.64 -7.30 13.66
O5 MAN G . -7.24 -6.87 13.73
O6 MAN G . -4.81 -9.44 14.33
C1 GCS H . -5.69 1.58 1.03
C2 GCS H . -5.88 2.38 -0.23
C3 GCS H . -4.59 2.36 -1.03
C4 GCS H . -3.45 2.88 -0.18
C5 GCS H . -3.36 2.08 1.08
C6 GCS H . -2.36 2.67 2.07
N2 GCS H . -7.01 1.86 -0.96
O3 GCS H . -4.69 3.22 -2.13
O4 GCS H . -2.21 2.79 -0.83
O5 GCS H . -4.60 2.14 1.72
O6 GCS H . -1.96 3.99 1.76
C1 DKA I . -8.41 2.60 -1.96
O1 DKA I . -7.74 3.12 -2.83
C2 DKA I . -9.74 2.01 -2.33
C3 DKA I . -10.40 2.80 -3.43
C4 DKA I . -11.55 2.04 -4.03
C5 DKA I . -12.64 3.02 -4.36
C6 DKA I . -13.43 2.71 -5.59
C7 DKA I . -14.23 3.91 -6.03
C8 DKA I . -13.67 4.45 -7.32
C9 DKA I . -14.64 5.42 -7.99
C10 DKA I . -14.89 6.63 -7.18
#